data_5KNU
#
_entry.id   5KNU
#
_cell.length_a   84.975
_cell.length_b   84.975
_cell.length_c   167.723
_cell.angle_alpha   90.000
_cell.angle_beta   90.000
_cell.angle_gamma   120.000
#
_symmetry.space_group_name_H-M   'P 31 2 1'
#
loop_
_entity.id
_entity.type
_entity.pdbx_description
1 polymer 'Hypoxanthine-guanine phosphoribosyltransferase'
2 non-polymer '3-[(4-oxidanylidene-3,5-dihydropyrrolo[3,2-d]pyrimidin-7-yl)methyl-(3-phosphonopropyl)amino]propylphosphonic acid'
3 non-polymer 'MAGNESIUM ION'
4 non-polymer '4-(2-HYDROXYETHYL)-1-PIPERAZINE ETHANESULFONIC ACID'
5 water water
#
_entity_poly.entity_id   1
_entity_poly.type   'polypeptide(L)'
_entity_poly.pdbx_seq_one_letter_code
;MVRDMKHTVEVMIPEAEIKARIAELGRQITERYKDSGSDMVLVGLLRGSFMFMADLCREVQVSHEVDFMTASSYGSGMST
TRDVKILKDLDEDIRGKDVLIVEDIIDSGNTLSKVREILSLREPKSLAICTLLDKPSRREVNVPVEFIGFSIPDEFVVGY
GIDYAQRYRHLPYIGKVILLDE
;
_entity_poly.pdbx_strand_id   A,B
#
# COMPACT_ATOMS: atom_id res chain seq x y z
N ARG A 3 21.35 5.01 12.70
CA ARG A 3 20.55 3.80 12.72
C ARG A 3 20.17 3.40 14.15
N ASP A 4 21.04 3.75 15.09
CA ASP A 4 20.80 3.45 16.50
C ASP A 4 20.98 4.70 17.38
N MET A 5 20.76 5.87 16.77
CA MET A 5 20.96 7.14 17.47
C MET A 5 19.74 7.56 18.28
N LYS A 6 19.98 8.06 19.49
CA LYS A 6 18.92 8.54 20.36
C LYS A 6 18.26 9.78 19.75
N HIS A 7 16.94 9.81 19.73
CA HIS A 7 16.22 10.88 19.06
C HIS A 7 14.80 11.09 19.59
N THR A 8 14.07 11.98 18.93
CA THR A 8 12.67 12.26 19.25
C THR A 8 11.94 12.58 17.94
N VAL A 9 10.62 12.42 17.93
CA VAL A 9 9.86 12.75 16.73
C VAL A 9 8.86 13.86 17.01
N GLU A 10 9.12 15.03 16.44
CA GLU A 10 8.20 16.16 16.54
C GLU A 10 7.32 16.21 15.30
N VAL A 11 6.11 16.75 15.45
CA VAL A 11 5.19 16.83 14.32
C VAL A 11 5.60 17.93 13.37
N MET A 12 5.51 17.65 12.07
CA MET A 12 5.75 18.67 11.06
C MET A 12 4.47 18.92 10.27
N ILE A 13 3.83 17.85 9.82
CA ILE A 13 2.55 17.95 9.13
C ILE A 13 1.51 17.04 9.80
N PRO A 14 0.58 17.64 10.54
CA PRO A 14 -0.51 16.92 11.21
C PRO A 14 -1.40 16.13 10.26
N GLU A 15 -2.04 15.08 10.77
CA GLU A 15 -2.89 14.20 9.98
C GLU A 15 -3.99 14.95 9.23
N ALA A 16 -4.58 15.94 9.89
CA ALA A 16 -5.64 16.73 9.29
C ALA A 16 -5.13 17.50 8.08
N GLU A 17 -3.91 18.01 8.18
CA GLU A 17 -3.33 18.80 7.09
C GLU A 17 -3.04 17.92 5.88
N ILE A 18 -2.57 16.71 6.13
CA ILE A 18 -2.31 15.76 5.06
C ILE A 18 -3.61 15.36 4.38
N LYS A 19 -4.61 15.02 5.19
CA LYS A 19 -5.92 14.62 4.66
C LYS A 19 -6.51 15.70 3.77
N ALA A 20 -6.38 16.94 4.20
CA ALA A 20 -6.95 18.07 3.46
C ALA A 20 -6.19 18.30 2.16
N ARG A 21 -4.87 18.21 2.24
CA ARG A 21 -4.01 18.44 1.09
C ARG A 21 -4.18 17.35 0.03
N ILE A 22 -4.39 16.11 0.49
CA ILE A 22 -4.58 14.99 -0.42
C ILE A 22 -5.92 15.13 -1.14
N ALA A 23 -6.91 15.67 -0.45
CA ALA A 23 -8.21 15.95 -1.06
C ALA A 23 -8.04 16.92 -2.23
N GLU A 24 -7.23 17.95 -2.02
CA GLU A 24 -6.96 18.94 -3.05
C GLU A 24 -6.23 18.33 -4.24
N LEU A 25 -5.17 17.58 -3.95
CA LEU A 25 -4.44 16.84 -4.97
C LEU A 25 -5.39 15.97 -5.77
N GLY A 26 -6.35 15.35 -5.08
CA GLY A 26 -7.35 14.53 -5.71
C GLY A 26 -8.14 15.26 -6.78
N ARG A 27 -8.63 16.45 -6.44
CA ARG A 27 -9.42 17.24 -7.36
C ARG A 27 -8.60 17.68 -8.57
N GLN A 28 -7.33 18.00 -8.34
CA GLN A 28 -6.45 18.45 -9.42
C GLN A 28 -6.13 17.32 -10.38
N ILE A 29 -5.74 16.17 -9.83
CA ILE A 29 -5.44 14.99 -10.64
C ILE A 29 -6.67 14.58 -11.43
N THR A 30 -7.83 14.65 -10.78
CA THR A 30 -9.09 14.28 -11.43
C THR A 30 -9.38 15.18 -12.62
N GLU A 31 -9.24 16.48 -12.42
CA GLU A 31 -9.54 17.47 -13.46
C GLU A 31 -8.63 17.30 -14.67
N ARG A 32 -7.39 16.85 -14.44
CA ARG A 32 -6.44 16.69 -15.52
C ARG A 32 -6.76 15.47 -16.40
N TYR A 33 -7.12 14.36 -15.77
CA TYR A 33 -7.25 13.10 -16.50
C TYR A 33 -8.70 12.67 -16.78
N LYS A 34 -9.66 13.54 -16.48
CA LYS A 34 -11.07 13.17 -16.59
C LYS A 34 -11.57 13.02 -18.03
N ASP A 35 -10.94 13.73 -18.96
CA ASP A 35 -11.37 13.71 -20.35
C ASP A 35 -10.35 13.06 -21.28
N SER A 36 -9.54 12.16 -20.74
CA SER A 36 -8.44 11.60 -21.50
C SER A 36 -8.91 10.57 -22.53
N GLY A 37 -9.81 9.69 -22.13
CA GLY A 37 -10.30 8.66 -23.02
C GLY A 37 -9.34 7.49 -23.15
N SER A 38 -8.26 7.54 -22.39
CA SER A 38 -7.29 6.46 -22.35
C SER A 38 -7.20 5.90 -20.93
N ASP A 39 -6.80 4.64 -20.81
CA ASP A 39 -6.71 3.99 -19.50
C ASP A 39 -5.70 4.69 -18.61
N MET A 40 -6.03 4.81 -17.33
CA MET A 40 -5.16 5.49 -16.38
C MET A 40 -4.64 4.51 -15.33
N VAL A 41 -3.37 4.69 -14.93
CA VAL A 41 -2.79 3.84 -13.91
C VAL A 41 -1.94 4.65 -12.94
N LEU A 42 -2.15 4.43 -11.64
CA LEU A 42 -1.28 5.02 -10.63
C LEU A 42 -0.21 4.00 -10.26
N VAL A 43 1.05 4.42 -10.37
CA VAL A 43 2.16 3.54 -10.09
C VAL A 43 2.90 3.97 -8.83
N GLY A 44 2.82 3.16 -7.79
CA GLY A 44 3.46 3.47 -6.53
C GLY A 44 4.83 2.85 -6.40
N LEU A 45 5.75 3.58 -5.78
CA LEU A 45 7.11 3.10 -5.55
C LEU A 45 7.26 2.59 -4.12
N LEU A 46 7.25 1.27 -3.97
CA LEU A 46 7.38 0.62 -2.67
C LEU A 46 8.77 0.85 -2.07
N ARG A 47 8.85 0.89 -0.73
CA ARG A 47 7.71 0.67 0.16
C ARG A 47 7.03 1.97 0.59
N GLY A 48 7.81 3.04 0.68
CA GLY A 48 7.38 4.26 1.33
C GLY A 48 6.10 4.95 0.87
N SER A 49 5.53 4.50 -0.25
CA SER A 49 4.40 5.21 -0.81
C SER A 49 3.08 4.44 -0.76
N PHE A 50 3.02 3.34 -0.03
CA PHE A 50 1.80 2.54 -0.01
C PHE A 50 0.67 3.32 0.66
N MET A 51 0.98 4.04 1.73
CA MET A 51 -0.04 4.76 2.47
C MET A 51 -0.54 5.95 1.67
N PHE A 52 0.39 6.73 1.11
CA PHE A 52 0.03 7.86 0.27
C PHE A 52 -0.83 7.39 -0.90
N MET A 53 -0.47 6.26 -1.48
CA MET A 53 -1.21 5.70 -2.61
C MET A 53 -2.65 5.38 -2.23
N ALA A 54 -2.81 4.69 -1.11
CA ALA A 54 -4.13 4.25 -0.65
C ALA A 54 -5.08 5.44 -0.46
N ASP A 55 -4.60 6.48 0.18
CA ASP A 55 -5.42 7.67 0.42
C ASP A 55 -5.65 8.46 -0.87
N LEU A 56 -4.63 8.52 -1.73
CA LEU A 56 -4.70 9.34 -2.93
C LEU A 56 -5.70 8.80 -3.95
N CYS A 57 -5.61 7.51 -4.25
CA CYS A 57 -6.47 6.91 -5.27
C CYS A 57 -7.94 6.97 -4.87
N ARG A 58 -8.19 7.03 -3.57
CA ARG A 58 -9.56 7.17 -3.06
C ARG A 58 -10.09 8.58 -3.30
N GLU A 59 -9.19 9.52 -3.59
CA GLU A 59 -9.57 10.89 -3.87
C GLU A 59 -9.54 11.22 -5.37
N VAL A 60 -9.13 10.24 -6.17
CA VAL A 60 -9.08 10.41 -7.61
C VAL A 60 -10.34 9.87 -8.26
N GLN A 61 -11.22 10.79 -8.68
CA GLN A 61 -12.55 10.42 -9.16
C GLN A 61 -12.57 10.03 -10.64
N VAL A 62 -11.59 9.23 -11.08
CA VAL A 62 -11.61 8.70 -12.43
C VAL A 62 -11.27 7.21 -12.38
N SER A 63 -11.85 6.45 -13.30
CA SER A 63 -11.58 5.01 -13.36
C SER A 63 -10.12 4.76 -13.74
N HIS A 64 -9.36 4.21 -12.80
CA HIS A 64 -7.95 3.95 -13.03
C HIS A 64 -7.51 2.63 -12.42
N GLU A 65 -6.29 2.21 -12.74
CA GLU A 65 -5.71 1.01 -12.18
C GLU A 65 -4.64 1.38 -11.15
N VAL A 66 -4.36 0.46 -10.23
CA VAL A 66 -3.32 0.69 -9.24
C VAL A 66 -2.24 -0.38 -9.35
N ASP A 67 -1.00 0.05 -9.55
CA ASP A 67 0.12 -0.89 -9.66
C ASP A 67 1.30 -0.41 -8.82
N PHE A 68 2.25 -1.30 -8.59
CA PHE A 68 3.39 -0.99 -7.73
C PHE A 68 4.72 -1.45 -8.33
N MET A 69 5.80 -0.83 -7.87
CA MET A 69 7.13 -1.15 -8.34
C MET A 69 8.16 -0.90 -7.24
N THR A 70 9.13 -1.80 -7.14
CA THR A 70 10.18 -1.65 -6.13
C THR A 70 11.54 -1.43 -6.79
N ALA A 71 12.17 -0.30 -6.48
CA ALA A 71 13.46 0.05 -7.05
C ALA A 71 14.56 0.00 -6.00
N SER A 72 15.81 0.07 -6.45
CA SER A 72 16.96 -0.04 -5.55
C SER A 72 17.54 1.34 -5.21
N SER A 73 18.87 1.43 -5.21
CA SER A 73 19.56 2.68 -4.88
C SER A 73 20.27 3.26 -6.10
N THR A 81 27.27 7.21 -6.71
CA THR A 81 26.46 6.19 -6.05
C THR A 81 26.46 4.89 -6.83
N ARG A 82 25.28 4.28 -6.97
CA ARG A 82 25.14 3.01 -7.67
C ARG A 82 24.06 3.08 -8.74
N ASP A 83 23.80 1.95 -9.39
CA ASP A 83 22.78 1.86 -10.43
C ASP A 83 21.40 1.58 -9.84
N VAL A 84 20.36 2.12 -10.46
CA VAL A 84 18.99 1.88 -10.04
C VAL A 84 18.44 0.63 -10.71
N LYS A 85 18.28 -0.43 -9.92
CA LYS A 85 17.80 -1.71 -10.45
C LYS A 85 16.36 -1.98 -10.03
N ILE A 86 15.69 -2.84 -10.79
CA ILE A 86 14.29 -3.17 -10.52
C ILE A 86 14.15 -4.48 -9.76
N LEU A 87 13.83 -4.38 -8.48
CA LEU A 87 13.65 -5.56 -7.65
C LEU A 87 12.30 -6.21 -7.93
N LYS A 88 11.27 -5.38 -8.11
CA LYS A 88 9.95 -5.87 -8.50
C LYS A 88 9.35 -4.93 -9.53
N ASP A 89 9.16 -5.43 -10.74
CA ASP A 89 8.60 -4.63 -11.82
C ASP A 89 7.08 -4.61 -11.71
N LEU A 90 6.43 -3.78 -12.53
CA LEU A 90 4.98 -3.69 -12.57
C LEU A 90 4.34 -5.03 -12.94
N ASP A 91 3.05 -5.16 -12.63
CA ASP A 91 2.33 -6.37 -12.97
C ASP A 91 1.62 -6.22 -14.32
N GLU A 92 1.19 -5.00 -14.60
CA GLU A 92 0.43 -4.74 -15.83
C GLU A 92 1.18 -3.83 -16.79
N ASP A 93 0.72 -3.79 -18.04
CA ASP A 93 1.32 -2.95 -19.06
C ASP A 93 0.88 -1.50 -18.93
N ILE A 94 1.72 -0.57 -19.37
CA ILE A 94 1.38 0.84 -19.30
C ILE A 94 1.42 1.50 -20.66
N ARG A 95 1.67 0.71 -21.71
CA ARG A 95 1.74 1.23 -23.06
C ARG A 95 0.43 1.88 -23.49
N GLY A 96 0.51 3.14 -23.91
CA GLY A 96 -0.66 3.87 -24.36
C GLY A 96 -1.61 4.24 -23.23
N LYS A 97 -1.10 4.23 -22.01
CA LYS A 97 -1.92 4.56 -20.85
C LYS A 97 -1.42 5.84 -20.18
N ASP A 98 -2.32 6.53 -19.49
CA ASP A 98 -1.93 7.67 -18.68
C ASP A 98 -1.35 7.18 -17.37
N VAL A 99 -0.05 7.36 -17.19
CA VAL A 99 0.64 6.86 -16.01
C VAL A 99 0.95 7.98 -15.04
N LEU A 100 0.57 7.79 -13.79
CA LEU A 100 0.92 8.73 -12.74
C LEU A 100 1.77 8.05 -11.67
N ILE A 101 3.05 8.41 -11.61
CA ILE A 101 3.96 7.85 -10.61
C ILE A 101 3.71 8.48 -9.25
N VAL A 102 3.39 7.65 -8.27
CA VAL A 102 3.06 8.13 -6.93
C VAL A 102 4.20 7.85 -5.95
N GLU A 103 4.89 8.92 -5.53
CA GLU A 103 6.04 8.79 -4.65
C GLU A 103 5.83 9.53 -3.33
N ASP A 104 6.37 8.98 -2.25
CA ASP A 104 6.24 9.60 -0.93
C ASP A 104 7.04 10.89 -0.82
N ILE A 105 8.35 10.83 -1.06
CA ILE A 105 9.20 11.99 -0.89
C ILE A 105 10.30 12.05 -1.95
N ILE A 106 10.62 13.27 -2.40
CA ILE A 106 11.75 13.49 -3.30
C ILE A 106 12.81 14.36 -2.64
N ASP A 107 13.96 13.77 -2.33
CA ASP A 107 15.10 14.56 -1.85
C ASP A 107 16.00 14.96 -3.00
N SER A 108 16.90 14.06 -3.37
CA SER A 108 17.82 14.29 -4.47
C SER A 108 17.12 14.18 -5.82
N GLY A 109 16.30 13.16 -5.97
CA GLY A 109 15.59 12.92 -7.20
C GLY A 109 16.28 11.90 -8.09
N ASN A 110 17.36 11.32 -7.58
CA ASN A 110 18.13 10.34 -8.35
C ASN A 110 17.26 9.15 -8.75
N THR A 111 16.55 8.59 -7.78
CA THR A 111 15.71 7.42 -8.02
C THR A 111 14.57 7.72 -8.97
N LEU A 112 13.80 8.77 -8.67
CA LEU A 112 12.70 9.21 -9.53
C LEU A 112 13.14 9.41 -10.97
N SER A 113 14.26 10.11 -11.14
CA SER A 113 14.82 10.39 -12.46
C SER A 113 15.04 9.11 -13.25
N LYS A 114 15.65 8.11 -12.60
CA LYS A 114 15.96 6.85 -13.26
C LYS A 114 14.71 5.98 -13.46
N VAL A 115 13.78 6.02 -12.50
CA VAL A 115 12.55 5.26 -12.62
C VAL A 115 11.69 5.80 -13.76
N ARG A 116 11.65 7.12 -13.90
N ARG A 116 11.65 7.12 -13.91
CA ARG A 116 10.87 7.75 -14.96
CA ARG A 116 10.86 7.74 -14.97
C ARG A 116 11.43 7.37 -16.34
C ARG A 116 11.43 7.37 -16.34
N GLU A 117 12.76 7.27 -16.42
CA GLU A 117 13.42 6.87 -17.66
C GLU A 117 13.00 5.47 -18.08
N ILE A 118 13.08 4.53 -17.15
CA ILE A 118 12.72 3.14 -17.40
C ILE A 118 11.28 3.00 -17.90
N LEU A 119 10.35 3.69 -17.24
CA LEU A 119 8.95 3.60 -17.59
C LEU A 119 8.65 4.27 -18.93
N SER A 120 9.38 5.33 -19.24
CA SER A 120 9.17 6.07 -20.48
C SER A 120 9.50 5.20 -21.70
N LEU A 121 10.40 4.24 -21.51
CA LEU A 121 10.78 3.32 -22.57
C LEU A 121 9.61 2.46 -23.05
N ARG A 122 8.61 2.32 -22.19
CA ARG A 122 7.46 1.47 -22.50
C ARG A 122 6.39 2.25 -23.24
N GLU A 123 6.72 3.49 -23.57
CA GLU A 123 5.87 4.37 -24.37
C GLU A 123 4.43 4.49 -23.88
N PRO A 124 4.23 5.07 -22.69
CA PRO A 124 2.86 5.37 -22.26
C PRO A 124 2.34 6.64 -22.94
N LYS A 125 1.03 6.82 -22.98
CA LYS A 125 0.45 8.01 -23.61
C LYS A 125 0.95 9.27 -22.90
N SER A 126 0.92 9.24 -21.57
CA SER A 126 1.45 10.32 -20.77
C SER A 126 2.14 9.78 -19.53
N LEU A 127 3.21 10.44 -19.12
CA LEU A 127 3.94 10.04 -17.92
C LEU A 127 4.12 11.24 -17.00
N ALA A 128 3.55 11.16 -15.81
CA ALA A 128 3.64 12.26 -14.86
C ALA A 128 3.99 11.75 -13.47
N ILE A 129 4.38 12.68 -12.60
CA ILE A 129 4.80 12.32 -11.25
C ILE A 129 3.99 13.08 -10.20
N CYS A 130 3.55 12.38 -9.17
CA CYS A 130 2.91 13.01 -8.02
C CYS A 130 3.63 12.62 -6.74
N THR A 131 4.17 13.61 -6.03
CA THR A 131 4.86 13.35 -4.78
C THR A 131 4.18 14.07 -3.62
N LEU A 132 4.14 13.41 -2.47
CA LEU A 132 3.54 14.00 -1.28
C LEU A 132 4.46 15.06 -0.70
N LEU A 133 5.70 14.68 -0.45
CA LEU A 133 6.69 15.61 0.10
C LEU A 133 7.78 15.93 -0.93
N ASP A 134 8.17 17.19 -0.96
CA ASP A 134 9.24 17.65 -1.83
C ASP A 134 10.26 18.43 -1.00
N LYS A 135 11.51 18.02 -1.05
CA LYS A 135 12.56 18.72 -0.32
C LYS A 135 13.59 19.27 -1.30
N PRO A 136 13.29 20.43 -1.92
CA PRO A 136 14.07 20.98 -3.02
C PRO A 136 15.46 21.47 -2.61
N SER A 137 15.69 21.65 -1.31
CA SER A 137 16.97 22.11 -0.82
C SER A 137 18.07 21.06 -1.02
N ARG A 138 17.67 19.83 -1.34
CA ARG A 138 18.62 18.75 -1.51
C ARG A 138 18.51 18.08 -2.87
N ARG A 139 17.89 18.76 -3.83
CA ARG A 139 17.72 18.18 -5.15
C ARG A 139 19.02 18.23 -5.96
N GLU A 140 19.41 17.08 -6.49
CA GLU A 140 20.62 17.00 -7.30
C GLU A 140 20.27 16.91 -8.79
N VAL A 141 19.11 16.36 -9.10
CA VAL A 141 18.65 16.21 -10.47
C VAL A 141 17.32 16.91 -10.67
N ASN A 142 17.21 17.74 -11.69
CA ASN A 142 15.98 18.46 -11.96
C ASN A 142 14.94 17.57 -12.64
N VAL A 143 14.16 16.86 -11.84
CA VAL A 143 13.09 16.03 -12.36
C VAL A 143 11.80 16.84 -12.35
N PRO A 144 10.95 16.64 -13.38
CA PRO A 144 9.71 17.40 -13.50
C PRO A 144 8.58 16.76 -12.70
N VAL A 145 8.07 17.48 -11.71
CA VAL A 145 6.94 17.00 -10.91
C VAL A 145 5.76 17.95 -11.08
N GLU A 146 4.61 17.41 -11.50
N GLU A 146 4.61 17.39 -11.47
CA GLU A 146 3.44 18.25 -11.73
CA GLU A 146 3.42 18.19 -11.77
C GLU A 146 2.61 18.43 -10.46
C GLU A 146 2.50 18.35 -10.55
N PHE A 147 2.60 17.41 -9.61
CA PHE A 147 1.80 17.46 -8.40
C PHE A 147 2.66 17.32 -7.15
N ILE A 148 2.59 18.32 -6.27
CA ILE A 148 3.34 18.28 -5.03
C ILE A 148 2.44 18.63 -3.85
N GLY A 149 2.41 17.75 -2.85
CA GLY A 149 1.60 17.99 -1.68
C GLY A 149 2.20 19.06 -0.80
N PHE A 150 3.46 18.86 -0.42
CA PHE A 150 4.17 19.82 0.42
C PHE A 150 5.63 19.97 0.01
N SER A 151 6.10 21.21 -0.04
CA SER A 151 7.53 21.47 -0.15
C SER A 151 8.04 21.75 1.26
N ILE A 152 8.96 20.91 1.73
CA ILE A 152 9.34 20.89 3.14
C ILE A 152 10.76 21.38 3.36
N PRO A 153 11.07 21.85 4.59
CA PRO A 153 12.43 22.26 4.92
C PRO A 153 13.41 21.09 4.97
N ASP A 154 14.69 21.38 5.13
CA ASP A 154 15.71 20.34 5.16
C ASP A 154 15.70 19.61 6.50
N GLU A 155 14.67 18.79 6.70
CA GLU A 155 14.52 17.98 7.90
C GLU A 155 14.38 16.50 7.52
N PHE A 156 14.87 15.61 8.37
CA PHE A 156 14.69 14.19 8.14
C PHE A 156 13.29 13.79 8.61
N VAL A 157 12.39 13.59 7.66
CA VAL A 157 10.99 13.32 7.99
C VAL A 157 10.70 11.84 8.14
N VAL A 158 9.69 11.53 8.95
CA VAL A 158 9.23 10.16 9.14
C VAL A 158 7.71 10.10 9.17
N GLY A 159 7.18 8.89 9.09
CA GLY A 159 5.75 8.68 9.17
C GLY A 159 5.11 8.58 7.80
N TYR A 160 3.87 8.12 7.78
CA TYR A 160 3.08 8.06 6.56
C TYR A 160 3.79 7.30 5.46
N GLY A 161 4.26 6.09 5.77
CA GLY A 161 4.96 5.27 4.80
C GLY A 161 6.46 5.45 4.89
N ILE A 162 6.87 6.67 5.21
CA ILE A 162 8.29 7.02 5.28
C ILE A 162 8.88 6.56 6.61
N ASP A 163 10.11 6.05 6.57
CA ASP A 163 10.70 5.41 7.74
C ASP A 163 12.04 6.00 8.16
N TYR A 164 12.42 5.75 9.41
CA TYR A 164 13.79 5.96 9.87
C TYR A 164 14.31 4.65 10.45
N ALA A 165 15.19 3.98 9.69
CA ALA A 165 15.68 2.65 10.06
C ALA A 165 14.51 1.70 10.28
N GLN A 166 13.66 1.61 9.25
CA GLN A 166 12.50 0.71 9.24
C GLN A 166 11.49 1.01 10.34
N ARG A 167 11.57 2.21 10.92
CA ARG A 167 10.69 2.59 12.02
C ARG A 167 9.77 3.75 11.61
N TYR A 168 8.59 3.81 12.24
CA TYR A 168 7.63 4.91 12.12
C TYR A 168 6.77 4.95 10.85
N ARG A 169 6.76 3.89 10.05
CA ARG A 169 5.97 3.91 8.80
C ARG A 169 4.47 4.03 9.06
N HIS A 170 4.04 3.66 10.25
CA HIS A 170 2.61 3.56 10.55
C HIS A 170 2.02 4.84 11.16
N LEU A 171 2.85 5.88 11.28
CA LEU A 171 2.36 7.14 11.80
C LEU A 171 1.42 7.82 10.81
N PRO A 172 0.26 8.29 11.30
CA PRO A 172 -0.74 8.95 10.46
C PRO A 172 -0.37 10.39 10.11
N TYR A 173 0.75 10.86 10.66
CA TYR A 173 1.22 12.21 10.42
C TYR A 173 2.67 12.20 9.95
N ILE A 174 3.09 13.30 9.32
CA ILE A 174 4.50 13.47 8.98
C ILE A 174 5.23 14.14 10.13
N GLY A 175 6.25 13.46 10.67
CA GLY A 175 7.04 14.02 11.74
C GLY A 175 8.49 14.23 11.32
N LYS A 176 9.28 14.87 12.17
CA LYS A 176 10.69 15.07 11.89
C LYS A 176 11.56 14.51 13.03
N VAL A 177 12.65 13.84 12.65
CA VAL A 177 13.56 13.27 13.63
C VAL A 177 14.50 14.32 14.22
N ILE A 178 14.48 14.45 15.54
CA ILE A 178 15.35 15.38 16.24
C ILE A 178 16.31 14.63 17.15
N LEU A 179 17.60 14.65 16.82
CA LEU A 179 18.59 13.96 17.61
C LEU A 179 18.88 14.68 18.92
N LEU A 180 19.26 13.93 19.95
CA LEU A 180 19.67 14.53 21.23
C LEU A 180 21.15 14.89 21.17
N ASP A 181 21.53 15.97 21.84
CA ASP A 181 22.91 16.41 21.86
C ASP A 181 23.77 15.50 22.71
N ARG B 3 -14.41 -11.31 -17.28
CA ARG B 3 -13.56 -10.15 -17.49
C ARG B 3 -14.16 -9.18 -18.51
N ASP B 4 -15.08 -9.69 -19.32
CA ASP B 4 -15.71 -8.89 -20.37
C ASP B 4 -17.23 -9.06 -20.32
N MET B 5 -17.86 -8.49 -19.30
CA MET B 5 -19.31 -8.60 -19.13
C MET B 5 -19.92 -7.26 -18.72
N LYS B 6 -21.13 -6.99 -19.21
CA LYS B 6 -21.86 -5.79 -18.84
C LYS B 6 -22.23 -5.86 -17.36
N HIS B 7 -21.94 -4.80 -16.61
CA HIS B 7 -22.10 -4.83 -15.17
C HIS B 7 -22.22 -3.44 -14.54
N THR B 8 -22.57 -3.43 -13.26
CA THR B 8 -22.64 -2.20 -12.48
C THR B 8 -22.21 -2.51 -11.04
N VAL B 9 -22.02 -1.48 -10.24
CA VAL B 9 -21.53 -1.67 -8.87
C VAL B 9 -22.39 -0.99 -7.80
N GLU B 10 -22.87 -1.77 -6.85
CA GLU B 10 -23.62 -1.26 -5.72
C GLU B 10 -22.77 -1.31 -4.44
N VAL B 11 -23.05 -0.41 -3.50
CA VAL B 11 -22.33 -0.43 -2.23
C VAL B 11 -22.84 -1.58 -1.35
N MET B 12 -21.91 -2.37 -0.84
CA MET B 12 -22.25 -3.47 0.07
C MET B 12 -21.84 -3.14 1.49
N ILE B 13 -20.58 -2.72 1.65
CA ILE B 13 -20.07 -2.29 2.95
C ILE B 13 -19.55 -0.86 2.84
N PRO B 14 -20.34 0.11 3.31
CA PRO B 14 -20.02 1.53 3.19
C PRO B 14 -18.65 1.89 3.76
N GLU B 15 -18.07 2.98 3.26
CA GLU B 15 -16.78 3.46 3.70
C GLU B 15 -16.71 3.60 5.21
N ALA B 16 -17.79 4.12 5.81
CA ALA B 16 -17.84 4.36 7.25
C ALA B 16 -17.85 3.07 8.05
N GLU B 17 -18.51 2.04 7.52
CA GLU B 17 -18.56 0.74 8.20
C GLU B 17 -17.17 0.13 8.24
N ILE B 18 -16.43 0.25 7.14
CA ILE B 18 -15.07 -0.26 7.07
C ILE B 18 -14.19 0.45 8.09
N LYS B 19 -14.29 1.77 8.15
CA LYS B 19 -13.47 2.56 9.06
C LYS B 19 -13.74 2.19 10.52
N ALA B 20 -15.00 1.94 10.84
CA ALA B 20 -15.38 1.56 12.21
C ALA B 20 -14.87 0.17 12.56
N ARG B 21 -14.97 -0.75 11.62
CA ARG B 21 -14.55 -2.13 11.84
C ARG B 21 -13.04 -2.24 11.93
N ILE B 22 -12.34 -1.40 11.19
CA ILE B 22 -10.89 -1.40 11.21
C ILE B 22 -10.37 -0.82 12.53
N ALA B 23 -11.06 0.19 13.03
CA ALA B 23 -10.74 0.76 14.34
C ALA B 23 -10.77 -0.33 15.40
N GLU B 24 -11.83 -1.14 15.40
CA GLU B 24 -11.96 -2.24 16.35
CA GLU B 24 -11.96 -2.24 16.35
C GLU B 24 -10.82 -3.24 16.17
N LEU B 25 -10.53 -3.60 14.93
CA LEU B 25 -9.44 -4.53 14.63
C LEU B 25 -8.12 -4.01 15.19
N GLY B 26 -7.90 -2.71 15.04
CA GLY B 26 -6.70 -2.08 15.56
C GLY B 26 -6.56 -2.28 17.06
N ARG B 27 -7.67 -2.14 17.79
CA ARG B 27 -7.66 -2.31 19.24
C ARG B 27 -7.38 -3.75 19.63
N GLN B 28 -7.95 -4.70 18.89
CA GLN B 28 -7.73 -6.12 19.16
C GLN B 28 -6.28 -6.49 18.95
N ILE B 29 -5.75 -6.13 17.78
CA ILE B 29 -4.37 -6.41 17.41
C ILE B 29 -3.41 -5.79 18.42
N THR B 30 -3.72 -4.56 18.84
CA THR B 30 -2.90 -3.85 19.81
C THR B 30 -2.81 -4.60 21.14
N GLU B 31 -3.94 -5.10 21.63
CA GLU B 31 -3.98 -5.78 22.91
C GLU B 31 -3.24 -7.13 22.86
N ARG B 32 -3.24 -7.75 21.69
CA ARG B 32 -2.64 -9.07 21.54
CA ARG B 32 -2.65 -9.07 21.52
C ARG B 32 -1.12 -8.99 21.50
N TYR B 33 -0.58 -7.84 21.09
CA TYR B 33 0.86 -7.71 20.92
C TYR B 33 1.52 -6.59 21.74
N LYS B 34 0.77 -5.92 22.61
CA LYS B 34 1.32 -4.79 23.34
C LYS B 34 2.32 -5.22 24.42
N ASP B 35 2.16 -6.42 24.94
CA ASP B 35 3.01 -6.91 26.02
C ASP B 35 4.05 -7.92 25.52
N SER B 36 4.29 -7.91 24.21
CA SER B 36 5.17 -8.90 23.59
C SER B 36 6.65 -8.61 23.82
N GLY B 37 7.06 -7.38 23.51
CA GLY B 37 8.45 -7.00 23.67
C GLY B 37 9.25 -7.13 22.40
N SER B 38 9.11 -8.27 21.73
CA SER B 38 9.79 -8.52 20.46
C SER B 38 9.33 -7.54 19.39
N ASP B 39 10.14 -7.40 18.34
CA ASP B 39 9.77 -6.55 17.21
C ASP B 39 8.55 -7.12 16.50
N MET B 40 7.75 -6.24 15.94
CA MET B 40 6.54 -6.64 15.22
C MET B 40 6.58 -6.17 13.78
N VAL B 41 5.98 -6.94 12.88
CA VAL B 41 5.92 -6.54 11.46
C VAL B 41 4.60 -6.97 10.82
N LEU B 42 3.96 -6.04 10.11
CA LEU B 42 2.76 -6.35 9.34
C LEU B 42 3.16 -6.65 7.89
N VAL B 43 2.76 -7.81 7.41
CA VAL B 43 3.12 -8.24 6.07
C VAL B 43 1.91 -8.25 5.15
N GLY B 44 1.97 -7.46 4.09
CA GLY B 44 0.86 -7.34 3.16
C GLY B 44 1.09 -8.09 1.87
N LEU B 45 0.04 -8.73 1.36
CA LEU B 45 0.11 -9.45 0.10
C LEU B 45 -0.38 -8.58 -1.04
N LEU B 46 0.55 -8.16 -1.89
CA LEU B 46 0.22 -7.29 -3.01
C LEU B 46 -0.56 -8.02 -4.08
N ARG B 47 -1.46 -7.33 -4.78
CA ARG B 47 -1.68 -5.90 -4.59
C ARG B 47 -2.87 -5.58 -3.70
N GLY B 48 -3.75 -6.55 -3.51
CA GLY B 48 -5.03 -6.33 -2.86
C GLY B 48 -5.00 -5.76 -1.45
N SER B 49 -3.87 -5.86 -0.78
CA SER B 49 -3.80 -5.52 0.64
C SER B 49 -3.34 -4.09 0.93
N PHE B 50 -2.95 -3.34 -0.10
CA PHE B 50 -2.27 -2.07 0.11
C PHE B 50 -3.15 -1.05 0.84
N MET B 51 -4.42 -0.96 0.46
CA MET B 51 -5.32 -0.02 1.10
C MET B 51 -5.66 -0.45 2.52
N PHE B 52 -5.99 -1.73 2.68
CA PHE B 52 -6.28 -2.29 4.00
C PHE B 52 -5.08 -2.15 4.93
N MET B 53 -3.88 -2.35 4.38
CA MET B 53 -2.66 -2.22 5.15
C MET B 53 -2.48 -0.78 5.64
N ALA B 54 -2.71 0.18 4.75
CA ALA B 54 -2.53 1.59 5.07
C ALA B 54 -3.43 2.05 6.20
N ASP B 55 -4.70 1.63 6.15
CA ASP B 55 -5.66 2.01 7.19
C ASP B 55 -5.45 1.24 8.49
N LEU B 56 -5.11 -0.05 8.37
CA LEU B 56 -4.95 -0.91 9.54
C LEU B 56 -3.75 -0.52 10.40
N CYS B 57 -2.59 -0.40 9.77
CA CYS B 57 -1.36 -0.12 10.51
C CYS B 57 -1.43 1.21 11.27
N ARG B 58 -2.30 2.11 10.80
CA ARG B 58 -2.48 3.39 11.47
C ARG B 58 -3.31 3.25 12.73
N GLU B 59 -4.10 2.18 12.80
CA GLU B 59 -4.95 1.93 13.95
C GLU B 59 -4.30 0.96 14.94
N VAL B 60 -3.10 0.50 14.61
CA VAL B 60 -2.34 -0.35 15.50
C VAL B 60 -1.39 0.49 16.34
N GLN B 61 -1.70 0.61 17.63
CA GLN B 61 -0.94 1.49 18.52
C GLN B 61 0.28 0.77 19.11
N VAL B 62 1.00 0.05 18.26
CA VAL B 62 2.22 -0.64 18.68
C VAL B 62 3.31 -0.40 17.64
N SER B 63 4.52 -0.10 18.10
CA SER B 63 5.65 0.08 17.19
C SER B 63 5.85 -1.19 16.36
N HIS B 64 5.74 -1.05 15.05
CA HIS B 64 5.91 -2.19 14.15
C HIS B 64 6.47 -1.77 12.81
N GLU B 65 6.96 -2.74 12.04
CA GLU B 65 7.46 -2.50 10.70
C GLU B 65 6.38 -2.86 9.68
N VAL B 66 6.49 -2.31 8.48
CA VAL B 66 5.56 -2.64 7.40
C VAL B 66 6.32 -3.18 6.20
N ASP B 67 5.98 -4.40 5.78
CA ASP B 67 6.63 -5.01 4.64
C ASP B 67 5.59 -5.61 3.70
N PHE B 68 6.02 -5.91 2.47
CA PHE B 68 5.13 -6.50 1.47
C PHE B 68 5.80 -7.66 0.77
N MET B 69 4.99 -8.54 0.20
CA MET B 69 5.48 -9.58 -0.69
C MET B 69 4.41 -9.93 -1.71
N THR B 70 4.84 -10.44 -2.87
CA THR B 70 3.91 -10.78 -3.92
C THR B 70 4.00 -12.28 -4.26
N ALA B 71 2.86 -12.96 -4.25
CA ALA B 71 2.81 -14.38 -4.54
C ALA B 71 2.16 -14.63 -5.90
N SER B 72 2.50 -15.78 -6.50
CA SER B 72 2.02 -16.12 -7.83
C SER B 72 0.51 -16.38 -7.85
N SER B 73 -0.16 -15.79 -8.84
CA SER B 73 -1.60 -15.96 -8.98
C SER B 73 -1.94 -16.71 -10.27
N TYR B 74 -2.79 -17.72 -10.16
CA TYR B 74 -3.19 -18.52 -11.31
C TYR B 74 -4.69 -18.38 -11.58
N THR B 80 -5.31 -26.23 -13.92
CA THR B 80 -5.30 -24.86 -13.44
C THR B 80 -4.63 -24.74 -12.07
N THR B 81 -4.26 -25.87 -11.50
CA THR B 81 -3.59 -25.90 -10.20
C THR B 81 -2.08 -25.77 -10.36
N ARG B 82 -1.51 -24.71 -9.79
CA ARG B 82 -0.09 -24.42 -9.95
C ARG B 82 0.62 -24.21 -8.62
N ASP B 83 1.95 -24.24 -8.64
CA ASP B 83 2.76 -24.01 -7.45
C ASP B 83 2.65 -22.56 -7.01
N VAL B 84 2.62 -22.33 -5.69
CA VAL B 84 2.68 -20.98 -5.17
C VAL B 84 4.11 -20.50 -5.20
N LYS B 85 4.37 -19.50 -6.04
CA LYS B 85 5.71 -18.99 -6.23
C LYS B 85 5.81 -17.54 -5.77
N ILE B 86 7.02 -17.13 -5.42
CA ILE B 86 7.25 -15.80 -4.86
C ILE B 86 7.81 -14.85 -5.91
N LEU B 87 6.97 -13.91 -6.36
CA LEU B 87 7.39 -12.94 -7.36
C LEU B 87 8.21 -11.83 -6.72
N LYS B 88 7.96 -11.60 -5.45
CA LYS B 88 8.69 -10.59 -4.67
C LYS B 88 8.64 -10.94 -3.20
N ASP B 89 9.82 -11.19 -2.62
CA ASP B 89 9.89 -11.61 -1.23
C ASP B 89 9.88 -10.38 -0.31
N LEU B 90 9.96 -10.63 0.99
CA LEU B 90 10.01 -9.54 1.97
C LEU B 90 11.34 -8.80 1.87
N ASP B 91 11.35 -7.55 2.31
CA ASP B 91 12.58 -6.75 2.29
C ASP B 91 13.38 -6.96 3.58
N GLU B 92 12.68 -7.23 4.68
CA GLU B 92 13.33 -7.38 5.97
C GLU B 92 13.16 -8.77 6.57
N ASP B 93 13.99 -9.09 7.56
CA ASP B 93 13.94 -10.38 8.23
C ASP B 93 12.77 -10.44 9.22
N ILE B 94 12.29 -11.66 9.50
CA ILE B 94 11.16 -11.82 10.40
C ILE B 94 11.40 -12.83 11.51
N ARG B 95 12.58 -13.44 11.55
CA ARG B 95 12.86 -14.43 12.61
C ARG B 95 12.88 -13.73 13.97
N GLY B 96 12.26 -14.38 14.95
CA GLY B 96 12.17 -13.83 16.29
C GLY B 96 11.25 -12.63 16.41
N LYS B 97 10.40 -12.44 15.40
CA LYS B 97 9.48 -11.28 15.39
C LYS B 97 8.02 -11.72 15.42
N ASP B 98 7.15 -10.79 15.81
CA ASP B 98 5.71 -11.00 15.73
C ASP B 98 5.22 -10.60 14.35
N VAL B 99 4.80 -11.57 13.57
CA VAL B 99 4.40 -11.33 12.19
C VAL B 99 2.90 -11.45 12.02
N LEU B 100 2.28 -10.40 11.48
CA LEU B 100 0.86 -10.42 11.19
C LEU B 100 0.63 -10.27 9.70
N ILE B 101 0.26 -11.35 9.04
CA ILE B 101 -0.05 -11.32 7.62
C ILE B 101 -1.36 -10.56 7.40
N VAL B 102 -1.32 -9.58 6.51
CA VAL B 102 -2.49 -8.74 6.25
C VAL B 102 -3.06 -8.99 4.87
N GLU B 103 -4.24 -9.61 4.83
CA GLU B 103 -4.89 -9.98 3.58
C GLU B 103 -6.16 -9.17 3.37
N ASP B 104 -6.59 -9.05 2.12
CA ASP B 104 -7.82 -8.35 1.80
C ASP B 104 -9.02 -9.29 1.91
N ILE B 105 -8.88 -10.50 1.37
CA ILE B 105 -9.99 -11.45 1.34
C ILE B 105 -9.50 -12.90 1.29
N ILE B 106 -10.15 -13.76 2.07
CA ILE B 106 -9.86 -15.19 2.00
C ILE B 106 -11.04 -15.95 1.41
N ASP B 107 -10.79 -16.67 0.33
CA ASP B 107 -11.78 -17.59 -0.22
C ASP B 107 -11.30 -19.01 -0.03
N SER B 108 -10.57 -19.53 -1.02
CA SER B 108 -10.02 -20.88 -0.94
C SER B 108 -8.97 -20.98 0.14
N GLY B 109 -8.17 -19.93 0.29
CA GLY B 109 -7.10 -19.92 1.27
C GLY B 109 -5.88 -20.70 0.84
N ASN B 110 -5.85 -21.11 -0.43
CA ASN B 110 -4.74 -21.89 -0.97
C ASN B 110 -3.43 -21.11 -0.88
N THR B 111 -3.39 -19.95 -1.53
CA THR B 111 -2.20 -19.12 -1.56
C THR B 111 -1.77 -18.70 -0.15
N LEU B 112 -2.73 -18.29 0.66
CA LEU B 112 -2.46 -17.84 2.01
C LEU B 112 -1.88 -18.95 2.88
N SER B 113 -2.35 -20.18 2.66
CA SER B 113 -1.85 -21.33 3.40
C SER B 113 -0.39 -21.58 3.09
N LYS B 114 -0.04 -21.54 1.80
CA LYS B 114 1.33 -21.75 1.37
C LYS B 114 2.24 -20.61 1.86
N VAL B 115 1.75 -19.38 1.78
CA VAL B 115 2.53 -18.22 2.20
C VAL B 115 2.89 -18.33 3.68
N ARG B 116 1.93 -18.76 4.49
CA ARG B 116 2.18 -18.93 5.92
CA ARG B 116 2.18 -18.93 5.92
C ARG B 116 3.24 -20.01 6.15
N GLU B 117 3.20 -21.07 5.35
CA GLU B 117 4.18 -22.15 5.45
C GLU B 117 5.58 -21.63 5.15
N ILE B 118 5.71 -20.88 4.06
CA ILE B 118 6.98 -20.32 3.63
C ILE B 118 7.55 -19.40 4.70
N LEU B 119 6.70 -18.55 5.26
CA LEU B 119 7.13 -17.60 6.28
C LEU B 119 7.50 -18.30 7.59
N SER B 120 6.77 -19.37 7.91
CA SER B 120 6.99 -20.10 9.14
C SER B 120 8.39 -20.72 9.18
N LEU B 121 8.91 -21.07 8.01
CA LEU B 121 10.26 -21.63 7.89
C LEU B 121 11.33 -20.68 8.40
N ARG B 122 11.03 -19.39 8.39
CA ARG B 122 11.97 -18.37 8.84
C ARG B 122 11.87 -18.18 10.34
N GLU B 123 11.08 -19.02 10.98
CA GLU B 123 10.94 -19.09 12.44
C GLU B 123 10.71 -17.75 13.14
N PRO B 124 9.53 -17.14 12.92
CA PRO B 124 9.18 -15.96 13.70
C PRO B 124 8.70 -16.33 15.10
N LYS B 125 8.67 -15.37 16.01
CA LYS B 125 8.18 -15.60 17.36
C LYS B 125 6.71 -16.02 17.32
N SER B 126 5.92 -15.28 16.55
CA SER B 126 4.52 -15.61 16.34
C SER B 126 4.13 -15.36 14.89
N LEU B 127 3.00 -15.93 14.48
CA LEU B 127 2.54 -15.79 13.11
C LEU B 127 1.02 -15.88 13.03
N ALA B 128 0.38 -14.73 12.83
CA ALA B 128 -1.06 -14.67 12.73
C ALA B 128 -1.50 -14.08 11.39
N ILE B 129 -2.79 -14.21 11.09
CA ILE B 129 -3.34 -13.70 9.83
C ILE B 129 -4.51 -12.78 10.10
N CYS B 130 -4.50 -11.60 9.49
CA CYS B 130 -5.63 -10.68 9.58
C CYS B 130 -6.18 -10.34 8.20
N THR B 131 -7.40 -10.78 7.94
CA THR B 131 -8.05 -10.48 6.66
C THR B 131 -9.24 -9.56 6.86
N LEU B 132 -9.50 -8.73 5.85
CA LEU B 132 -10.63 -7.80 5.90
C LEU B 132 -11.93 -8.53 5.64
N LEU B 133 -11.95 -9.30 4.56
CA LEU B 133 -13.13 -10.07 4.19
C LEU B 133 -12.85 -11.56 4.31
N ASP B 134 -13.89 -12.34 4.61
CA ASP B 134 -13.76 -13.78 4.70
C ASP B 134 -14.97 -14.48 4.09
N LYS B 135 -14.72 -15.39 3.16
CA LYS B 135 -15.75 -16.27 2.63
C LYS B 135 -15.52 -17.70 3.13
N PRO B 136 -16.19 -18.08 4.23
CA PRO B 136 -16.10 -19.45 4.73
C PRO B 136 -16.56 -20.46 3.69
N SER B 137 -17.54 -20.04 2.88
CA SER B 137 -18.13 -20.86 1.83
C SER B 137 -17.10 -21.51 0.89
N ARG B 138 -16.12 -20.72 0.45
CA ARG B 138 -15.24 -21.17 -0.62
C ARG B 138 -13.93 -21.77 -0.13
N ARG B 139 -13.84 -22.02 1.18
CA ARG B 139 -12.61 -22.53 1.77
C ARG B 139 -12.26 -23.92 1.25
N GLU B 140 -11.03 -24.08 0.78
CA GLU B 140 -10.54 -25.36 0.29
C GLU B 140 -9.46 -25.93 1.20
N VAL B 141 -8.80 -25.04 1.94
CA VAL B 141 -7.77 -25.44 2.89
C VAL B 141 -7.98 -24.71 4.20
N ASN B 142 -7.93 -25.43 5.31
CA ASN B 142 -8.13 -24.83 6.62
C ASN B 142 -6.89 -24.06 7.08
N VAL B 143 -7.03 -22.74 7.18
CA VAL B 143 -5.94 -21.86 7.60
C VAL B 143 -6.33 -21.08 8.86
N PRO B 144 -5.43 -21.04 9.85
CA PRO B 144 -5.68 -20.30 11.09
C PRO B 144 -5.76 -18.79 10.86
N VAL B 145 -6.93 -18.22 11.05
CA VAL B 145 -7.12 -16.78 10.86
C VAL B 145 -7.59 -16.12 12.16
N GLU B 146 -6.69 -15.40 12.82
CA GLU B 146 -6.98 -14.84 14.14
C GLU B 146 -7.90 -13.61 14.10
N PHE B 147 -7.80 -12.80 13.05
CA PHE B 147 -8.58 -11.57 12.97
C PHE B 147 -9.35 -11.45 11.67
N ILE B 148 -10.66 -11.25 11.77
CA ILE B 148 -11.49 -11.12 10.58
C ILE B 148 -12.39 -9.89 10.66
N GLY B 149 -12.35 -9.06 9.62
CA GLY B 149 -13.16 -7.86 9.58
C GLY B 149 -14.63 -8.15 9.32
N PHE B 150 -14.90 -8.84 8.21
CA PHE B 150 -16.27 -9.17 7.82
C PHE B 150 -16.37 -10.59 7.28
N SER B 151 -17.40 -11.32 7.70
CA SER B 151 -17.71 -12.61 7.11
C SER B 151 -18.86 -12.44 6.13
N ILE B 152 -18.62 -12.74 4.86
CA ILE B 152 -19.63 -12.52 3.84
C ILE B 152 -19.98 -13.83 3.14
N PRO B 153 -21.19 -13.89 2.55
CA PRO B 153 -21.51 -15.05 1.73
C PRO B 153 -20.74 -15.02 0.41
N ASP B 154 -20.88 -16.06 -0.41
CA ASP B 154 -20.15 -16.12 -1.67
C ASP B 154 -20.66 -15.08 -2.66
N GLU B 155 -20.33 -13.82 -2.40
CA GLU B 155 -20.71 -12.72 -3.27
C GLU B 155 -19.49 -12.20 -4.03
N PHE B 156 -19.73 -11.77 -5.27
CA PHE B 156 -18.64 -11.24 -6.08
C PHE B 156 -18.40 -9.78 -5.74
N VAL B 157 -17.44 -9.54 -4.85
CA VAL B 157 -17.17 -8.19 -4.34
C VAL B 157 -15.98 -7.53 -5.02
N VAL B 158 -15.98 -6.20 -5.03
CA VAL B 158 -14.87 -5.41 -5.52
C VAL B 158 -14.63 -4.23 -4.59
N GLY B 159 -13.56 -3.48 -4.85
CA GLY B 159 -13.28 -2.28 -4.09
C GLY B 159 -12.30 -2.51 -2.97
N TYR B 160 -11.77 -1.41 -2.44
CA TYR B 160 -10.84 -1.46 -1.32
C TYR B 160 -9.66 -2.39 -1.57
N GLY B 161 -9.09 -2.31 -2.77
CA GLY B 161 -7.93 -3.11 -3.12
C GLY B 161 -8.29 -4.32 -3.96
N ILE B 162 -9.53 -4.77 -3.83
CA ILE B 162 -10.03 -5.91 -4.59
C ILE B 162 -10.49 -5.45 -5.97
N ASP B 163 -10.07 -6.18 -7.00
CA ASP B 163 -10.31 -5.75 -8.37
C ASP B 163 -11.29 -6.63 -9.13
N TYR B 164 -11.66 -6.17 -10.33
CA TYR B 164 -12.35 -6.98 -11.31
C TYR B 164 -11.84 -6.57 -12.68
N ALA B 165 -10.99 -7.41 -13.26
CA ALA B 165 -10.26 -7.08 -14.48
C ALA B 165 -9.48 -5.79 -14.25
N GLN B 166 -8.76 -5.76 -13.13
CA GLN B 166 -7.92 -4.63 -12.72
C GLN B 166 -8.69 -3.33 -12.45
N ARG B 167 -10.00 -3.44 -12.29
CA ARG B 167 -10.83 -2.26 -12.03
C ARG B 167 -11.30 -2.17 -10.58
N TYR B 168 -11.65 -0.95 -10.17
CA TYR B 168 -12.29 -0.67 -8.88
C TYR B 168 -11.39 -0.86 -7.65
N ARG B 169 -10.09 -0.98 -7.83
CA ARG B 169 -9.18 -1.09 -6.67
C ARG B 169 -9.25 0.13 -5.77
N HIS B 170 -9.64 1.26 -6.34
CA HIS B 170 -9.54 2.54 -5.64
C HIS B 170 -10.82 2.96 -4.94
N LEU B 171 -11.86 2.11 -5.01
CA LEU B 171 -13.11 2.42 -4.33
C LEU B 171 -12.92 2.35 -2.82
N PRO B 172 -13.39 3.40 -2.12
CA PRO B 172 -13.27 3.49 -0.66
C PRO B 172 -14.25 2.56 0.06
N TYR B 173 -15.16 1.95 -0.69
CA TYR B 173 -16.15 1.04 -0.14
C TYR B 173 -16.08 -0.34 -0.78
N ILE B 174 -16.45 -1.36 -0.02
CA ILE B 174 -16.60 -2.70 -0.60
C ILE B 174 -17.91 -2.74 -1.39
N GLY B 175 -17.82 -3.07 -2.67
CA GLY B 175 -19.00 -3.09 -3.51
C GLY B 175 -19.29 -4.44 -4.11
N LYS B 176 -20.54 -4.66 -4.52
CA LYS B 176 -20.93 -5.87 -5.22
C LYS B 176 -21.18 -5.56 -6.68
N VAL B 177 -20.72 -6.46 -7.56
CA VAL B 177 -20.91 -6.29 -9.00
C VAL B 177 -22.16 -7.02 -9.48
N ILE B 178 -23.05 -6.31 -10.17
CA ILE B 178 -24.28 -6.89 -10.68
C ILE B 178 -24.19 -7.14 -12.18
N LEU B 179 -24.05 -8.40 -12.57
CA LEU B 179 -23.96 -8.77 -13.98
C LEU B 179 -25.30 -8.56 -14.69
N LEU B 180 -25.27 -7.78 -15.77
CA LEU B 180 -26.49 -7.43 -16.49
C LEU B 180 -26.74 -8.37 -17.67
#